data_3ZXI
#
_entry.id   3ZXI
#
_cell.length_a   53.140
_cell.length_b   62.870
_cell.length_c   196.320
_cell.angle_alpha   90.00
_cell.angle_beta   90.00
_cell.angle_gamma   90.00
#
_symmetry.space_group_name_H-M   'P 21 21 21'
#
loop_
_entity.id
_entity.type
_entity.pdbx_description
1 polymer 'TYROSYL-TRNA SYNTHETASE, MITOCHONDRIAL'
2 non-polymer "PHOSPHORIC ACID 2-AMINO-3-(4-HYDROXY-PHENYL)-PROPYL ESTER ADENOSIN-5'YL ESTER"
#
_entity_poly.entity_id   1
_entity_poly.type   'polypeptide(L)'
_entity_poly.pdbx_seq_one_letter_code
;MRGSHSGAQGLLAAQKARGLFKDFFPETGTKIELPELFDRGTASFPQTIYCGFDPTADSLHVGHLLALLGLFHLQRAGHN
VIALVGGATARLGDPSGRTKEREALETERVRANARALRLGLEALAANHQQLFTDGRSWGSFTVLDNSAWYQKQHLVDFLA
AVGGHFRMGTLLSRQSVQLRLKSPEGMSLAEFFYQVLQAYDFYYLFQRYGCRVQLGGSDQLGNIMSGYEFINKLTGEDVF
GITVPLITSTTGAKLGKSAGNAVWLNRDKTSPFELYQFFVRQPDDSVERYLKLFTFLPLPEIDHIMQLHVKEPERRGPQK
RLAAEVTKLVHGREGLDSAKRCTQALYHRSHHHHHH
;
_entity_poly.pdbx_strand_id   A,B
#
# COMPACT_ATOMS: atom_id res chain seq x y z
N GLY A 10 38.55 -19.06 -1.51
CA GLY A 10 37.77 -17.84 -1.40
C GLY A 10 36.65 -17.95 -0.39
N LEU A 11 36.10 -16.82 0.03
CA LEU A 11 35.09 -16.80 1.09
C LEU A 11 33.77 -17.37 0.61
N LEU A 12 33.27 -16.81 -0.49
CA LEU A 12 32.09 -17.32 -1.13
C LEU A 12 32.33 -18.75 -1.61
N ALA A 13 33.57 -19.02 -2.02
CA ALA A 13 33.97 -20.33 -2.50
C ALA A 13 33.70 -21.39 -1.46
N ALA A 14 34.21 -21.16 -0.26
CA ALA A 14 34.05 -22.10 0.83
C ALA A 14 32.57 -22.35 1.13
N GLN A 15 31.76 -21.29 1.09
CA GLN A 15 30.35 -21.38 1.45
C GLN A 15 29.50 -22.03 0.37
N LYS A 16 29.78 -21.72 -0.89
CA LYS A 16 29.08 -22.36 -1.99
C LYS A 16 29.50 -23.83 -1.98
N ALA A 17 30.78 -24.05 -1.71
CA ALA A 17 31.35 -25.38 -1.64
C ALA A 17 30.73 -26.20 -0.49
N ARG A 18 30.61 -25.58 0.68
CA ARG A 18 30.05 -26.26 1.85
C ARG A 18 28.58 -26.61 1.64
N GLY A 19 27.91 -25.85 0.78
CA GLY A 19 26.48 -26.03 0.52
C GLY A 19 25.63 -25.05 1.31
N LEU A 20 26.22 -23.92 1.66
CA LEU A 20 25.55 -22.96 2.49
C LEU A 20 25.08 -21.80 1.63
N PHE A 21 25.92 -21.40 0.69
CA PHE A 21 25.58 -20.31 -0.19
C PHE A 21 25.01 -20.84 -1.49
N LYS A 22 23.73 -21.17 -1.43
CA LYS A 22 23.00 -21.71 -2.58
C LYS A 22 23.27 -20.92 -3.86
N ASP A 23 23.05 -19.62 -3.81
CA ASP A 23 23.12 -18.85 -5.04
C ASP A 23 23.38 -17.37 -4.71
N PHE A 24 23.79 -16.60 -5.70
CA PHE A 24 23.80 -15.14 -5.52
C PHE A 24 23.55 -14.27 -6.77
N PHE A 25 22.92 -13.11 -6.56
CA PHE A 25 22.42 -12.27 -7.65
C PHE A 25 22.66 -10.78 -7.38
N PRO A 26 22.63 -9.97 -8.44
CA PRO A 26 22.32 -10.39 -9.82
C PRO A 26 23.52 -11.06 -10.52
N PRO A 46 35.49 -3.68 3.95
CA PRO A 46 34.56 -4.33 4.88
C PRO A 46 33.12 -4.06 4.47
N GLN A 47 32.35 -5.12 4.22
CA GLN A 47 30.96 -4.98 3.78
C GLN A 47 29.93 -5.09 4.90
N THR A 48 28.66 -4.95 4.51
CA THR A 48 27.55 -5.02 5.45
C THR A 48 26.42 -5.85 4.85
N ILE A 49 26.00 -6.88 5.58
CA ILE A 49 25.06 -7.87 5.06
C ILE A 49 23.91 -8.07 6.04
N TYR A 50 22.73 -8.39 5.53
CA TYR A 50 21.61 -8.58 6.45
C TYR A 50 20.66 -9.70 6.09
N CYS A 51 19.96 -10.19 7.11
CA CYS A 51 18.91 -11.18 6.93
C CYS A 51 17.84 -10.96 7.99
N GLY A 52 16.58 -11.04 7.57
CA GLY A 52 15.44 -10.80 8.44
C GLY A 52 14.77 -12.06 8.96
N PHE A 53 14.19 -11.95 10.13
CA PHE A 53 13.58 -13.08 10.79
C PHE A 53 12.26 -12.63 11.36
N ASP A 54 11.16 -13.05 10.75
CA ASP A 54 9.84 -12.59 11.19
C ASP A 54 9.40 -13.23 12.50
N PRO A 55 9.09 -12.37 13.48
CA PRO A 55 8.70 -12.79 14.83
C PRO A 55 7.28 -13.29 14.87
N THR A 56 6.96 -14.26 14.01
CA THR A 56 5.66 -14.89 14.01
C THR A 56 5.57 -15.95 15.10
N ALA A 57 6.67 -16.16 15.81
CA ALA A 57 6.70 -16.93 17.05
C ALA A 57 7.79 -16.35 17.91
N ASP A 58 7.79 -16.74 19.18
CA ASP A 58 8.74 -16.22 20.15
C ASP A 58 10.08 -16.95 20.06
N SER A 59 10.12 -18.00 19.26
CA SER A 59 11.33 -18.81 19.18
C SER A 59 11.82 -18.97 17.75
N LEU A 60 13.14 -19.05 17.59
CA LEU A 60 13.71 -19.43 16.31
C LEU A 60 13.67 -20.96 16.21
N HIS A 61 13.78 -21.49 15.00
CA HIS A 61 13.93 -22.93 14.84
C HIS A 61 15.10 -23.29 13.95
N VAL A 62 15.42 -24.58 13.90
CA VAL A 62 16.58 -25.10 13.17
C VAL A 62 16.76 -24.58 11.73
N GLY A 63 15.67 -24.31 11.04
CA GLY A 63 15.75 -23.72 9.73
C GLY A 63 16.32 -22.31 9.79
N HIS A 64 15.85 -21.51 10.74
CA HIS A 64 16.35 -20.15 10.92
C HIS A 64 17.83 -20.22 11.13
N LEU A 65 18.24 -21.29 11.80
CA LEU A 65 19.62 -21.50 12.18
C LEU A 65 20.54 -21.43 10.97
N LEU A 66 20.09 -22.02 9.87
CA LEU A 66 20.85 -22.02 8.63
C LEU A 66 21.12 -20.62 8.10
N ALA A 67 20.09 -19.79 8.02
CA ALA A 67 20.25 -18.44 7.49
C ALA A 67 21.15 -17.64 8.40
N LEU A 68 20.99 -17.84 9.70
CA LEU A 68 21.80 -17.15 10.70
C LEU A 68 23.29 -17.56 10.55
N LEU A 69 23.57 -18.84 10.38
CA LEU A 69 24.94 -19.29 10.11
C LEU A 69 25.56 -18.54 8.94
N GLY A 70 24.82 -18.47 7.85
CA GLY A 70 25.24 -17.69 6.70
C GLY A 70 25.80 -16.35 7.13
N LEU A 71 25.15 -15.75 8.11
CA LEU A 71 25.62 -14.48 8.65
C LEU A 71 26.91 -14.67 9.42
N PHE A 72 26.91 -15.67 10.30
CA PHE A 72 28.08 -16.01 11.11
C PHE A 72 29.31 -16.29 10.23
N HIS A 73 29.09 -16.96 9.11
CA HIS A 73 30.22 -17.23 8.22
C HIS A 73 30.77 -15.93 7.65
N LEU A 74 29.88 -15.01 7.24
CA LEU A 74 30.29 -13.71 6.74
C LEU A 74 30.96 -12.86 7.82
N GLN A 75 30.47 -13.01 9.05
CA GLN A 75 30.97 -12.25 10.17
C GLN A 75 32.39 -12.70 10.54
N ARG A 76 32.62 -14.02 10.56
CA ARG A 76 33.96 -14.57 10.84
C ARG A 76 34.93 -14.11 9.77
N ALA A 77 34.48 -14.16 8.53
CA ALA A 77 35.24 -13.68 7.38
C ALA A 77 35.58 -12.19 7.49
N GLY A 78 35.08 -11.56 8.54
CA GLY A 78 35.45 -10.18 8.83
C GLY A 78 34.38 -9.13 8.60
N HIS A 79 33.26 -9.53 8.02
CA HIS A 79 32.23 -8.58 7.64
C HIS A 79 31.25 -8.24 8.75
N ASN A 80 30.63 -7.06 8.61
CA ASN A 80 29.57 -6.61 9.49
C ASN A 80 28.20 -7.15 9.10
N VAL A 81 27.55 -7.82 10.04
CA VAL A 81 26.24 -8.35 9.77
C VAL A 81 25.20 -7.82 10.72
N ILE A 82 23.97 -7.75 10.20
CA ILE A 82 22.77 -7.25 10.88
C ILE A 82 21.65 -8.28 10.81
N ALA A 83 21.28 -8.86 11.95
CA ALA A 83 20.16 -9.77 12.02
C ALA A 83 18.94 -8.95 12.39
N LEU A 84 18.02 -8.81 11.42
CA LEU A 84 16.85 -7.94 11.56
C LEU A 84 15.60 -8.66 12.07
N VAL A 85 14.96 -8.10 13.10
CA VAL A 85 13.65 -8.60 13.52
C VAL A 85 12.47 -7.90 12.78
N GLY A 86 11.51 -8.70 12.30
CA GLY A 86 10.42 -8.16 11.53
C GLY A 86 9.20 -7.79 12.36
N GLY A 87 9.38 -6.88 13.31
CA GLY A 87 8.30 -6.46 14.19
C GLY A 87 7.09 -5.96 13.42
N ALA A 88 7.34 -5.06 12.47
CA ALA A 88 6.30 -4.61 11.54
C ALA A 88 5.77 -5.72 10.61
N THR A 89 6.67 -6.31 9.82
CA THR A 89 6.28 -7.28 8.79
C THR A 89 5.60 -8.55 9.26
N ALA A 90 5.77 -8.91 10.53
CA ALA A 90 5.16 -10.15 11.01
C ALA A 90 3.69 -9.94 11.33
N ARG A 91 3.26 -8.69 11.37
CA ARG A 91 1.86 -8.34 11.62
C ARG A 91 1.06 -8.72 10.39
N LEU A 92 1.67 -8.45 9.24
CA LEU A 92 1.15 -8.87 7.95
C LEU A 92 1.34 -10.37 7.71
N GLY A 93 2.58 -10.80 7.62
CA GLY A 93 2.94 -12.18 7.33
C GLY A 93 3.52 -12.33 5.93
N ASP A 94 4.59 -13.12 5.80
CA ASP A 94 5.17 -13.41 4.48
C ASP A 94 4.30 -14.39 3.68
N PRO A 95 3.85 -13.96 2.49
CA PRO A 95 3.13 -14.85 1.58
C PRO A 95 4.05 -15.90 0.94
N SER A 96 5.35 -15.60 0.80
CA SER A 96 6.32 -16.42 0.06
C SER A 96 6.24 -17.92 0.36
N GLY A 97 6.02 -18.69 -0.70
CA GLY A 97 6.02 -20.14 -0.62
C GLY A 97 4.78 -20.72 0.04
N ARG A 98 3.83 -19.85 0.37
CA ARG A 98 2.65 -20.28 1.09
C ARG A 98 1.45 -20.45 0.17
N THR A 99 0.70 -21.52 0.37
CA THR A 99 -0.48 -21.77 -0.44
C THR A 99 -1.74 -21.24 0.24
N LYS A 100 -1.62 -20.91 1.52
CA LYS A 100 -2.77 -20.47 2.32
C LYS A 100 -2.55 -19.16 3.06
N GLU A 101 -3.62 -18.42 3.27
CA GLU A 101 -3.56 -17.16 3.99
C GLU A 101 -3.33 -17.41 5.46
N ARG A 102 -2.53 -16.57 6.10
CA ARG A 102 -2.17 -16.72 7.52
C ARG A 102 -3.27 -16.26 8.46
N GLU A 103 -3.27 -16.78 9.68
CA GLU A 103 -4.16 -16.28 10.73
C GLU A 103 -3.63 -14.95 11.26
N ALA A 104 -4.22 -13.86 10.81
CA ALA A 104 -3.82 -12.53 11.28
C ALA A 104 -3.41 -12.58 12.73
N LEU A 105 -2.26 -11.99 13.05
CA LEU A 105 -1.71 -12.05 14.40
C LEU A 105 -1.99 -10.80 15.22
N GLU A 106 -2.39 -11.02 16.47
CA GLU A 106 -2.66 -9.94 17.40
C GLU A 106 -1.45 -9.02 17.50
N THR A 107 -1.66 -7.74 17.23
CA THR A 107 -0.55 -6.81 17.16
C THR A 107 0.37 -6.83 18.39
N GLU A 108 -0.11 -7.44 19.48
CA GLU A 108 0.58 -7.44 20.77
C GLU A 108 1.41 -8.72 20.92
N ARG A 109 0.81 -9.85 20.55
CA ARG A 109 1.54 -11.11 20.49
C ARG A 109 2.79 -10.99 19.61
N VAL A 110 2.67 -10.25 18.51
CA VAL A 110 3.79 -9.97 17.62
C VAL A 110 4.84 -9.08 18.28
N ARG A 111 4.40 -8.14 19.10
CA ARG A 111 5.32 -7.28 19.86
C ARG A 111 6.13 -8.11 20.87
N ALA A 112 5.49 -9.09 21.48
CA ALA A 112 6.14 -9.90 22.50
C ALA A 112 7.21 -10.76 21.85
N ASN A 113 6.78 -11.54 20.86
CA ASN A 113 7.67 -12.38 20.06
C ASN A 113 8.89 -11.65 19.53
N ALA A 114 8.69 -10.42 19.06
CA ALA A 114 9.80 -9.61 18.60
C ALA A 114 10.83 -9.34 19.68
N ARG A 115 10.40 -9.30 20.94
CA ARG A 115 11.34 -9.07 22.02
C ARG A 115 12.03 -10.35 22.43
N ALA A 116 11.33 -11.47 22.26
CA ALA A 116 11.87 -12.81 22.47
C ALA A 116 12.96 -13.13 21.43
N LEU A 117 12.66 -12.86 20.17
CA LEU A 117 13.62 -13.06 19.09
C LEU A 117 14.91 -12.24 19.31
N ARG A 118 14.78 -10.93 19.50
CA ARG A 118 15.97 -10.11 19.73
C ARG A 118 16.86 -10.77 20.78
N LEU A 119 16.26 -11.22 21.87
CA LEU A 119 16.96 -11.90 22.94
C LEU A 119 17.61 -13.18 22.46
N GLY A 120 16.90 -13.91 21.60
CA GLY A 120 17.41 -15.17 21.09
C GLY A 120 18.60 -15.04 20.16
N LEU A 121 18.64 -13.97 19.38
CA LEU A 121 19.72 -13.72 18.45
C LEU A 121 20.94 -13.13 19.13
N GLU A 122 20.75 -12.30 20.15
CA GLU A 122 21.88 -11.81 20.94
C GLU A 122 22.47 -12.96 21.75
N ALA A 123 21.64 -13.96 22.02
CA ALA A 123 22.03 -15.14 22.78
C ALA A 123 22.94 -16.03 21.97
N LEU A 124 22.46 -16.42 20.78
CA LEU A 124 23.24 -17.22 19.83
C LEU A 124 24.56 -16.55 19.49
N ALA A 125 24.49 -15.31 19.00
CA ALA A 125 25.68 -14.50 18.76
C ALA A 125 26.64 -14.53 19.94
N ALA A 126 26.08 -14.67 21.14
CA ALA A 126 26.89 -14.79 22.34
C ALA A 126 27.69 -16.08 22.36
N ASN A 127 27.00 -17.22 22.20
CA ASN A 127 27.67 -18.51 22.25
C ASN A 127 28.71 -18.61 21.14
N HIS A 128 28.32 -18.12 19.97
CA HIS A 128 29.20 -18.12 18.82
C HIS A 128 30.49 -17.32 19.04
N GLN A 129 30.43 -16.30 19.88
CA GLN A 129 31.58 -15.44 20.08
C GLN A 129 32.53 -15.94 21.17
N GLN A 130 32.08 -16.88 22.01
CA GLN A 130 33.00 -17.51 22.95
C GLN A 130 33.36 -18.94 22.58
N LEU A 131 32.38 -19.76 22.25
CA LEU A 131 32.64 -21.17 22.04
C LEU A 131 33.17 -21.53 20.64
N PHE A 132 33.30 -20.53 19.77
CA PHE A 132 33.79 -20.77 18.42
C PHE A 132 34.75 -19.72 17.89
N THR A 133 35.65 -19.24 18.75
CA THR A 133 36.71 -18.31 18.34
C THR A 133 37.75 -18.96 17.45
N ASP A 134 38.35 -18.19 16.56
CA ASP A 134 39.40 -18.69 15.70
C ASP A 134 40.56 -17.71 15.52
N GLY A 135 40.71 -16.81 16.49
CA GLY A 135 41.83 -15.88 16.48
C GLY A 135 41.75 -14.87 15.36
N ARG A 136 40.83 -15.09 14.43
CA ARG A 136 40.54 -14.13 13.37
C ARG A 136 39.92 -12.88 13.96
N SER A 137 40.16 -11.75 13.30
CA SER A 137 39.53 -10.51 13.69
C SER A 137 38.13 -10.48 13.10
N TRP A 138 37.13 -10.57 13.97
CA TRP A 138 35.75 -10.67 13.51
C TRP A 138 35.07 -9.34 13.25
N GLY A 139 33.97 -9.41 12.50
CA GLY A 139 33.14 -8.24 12.24
C GLY A 139 31.92 -8.13 13.15
N SER A 140 31.30 -6.95 13.16
CA SER A 140 30.18 -6.67 14.04
C SER A 140 28.92 -7.47 13.72
N PHE A 141 28.10 -7.68 14.74
CA PHE A 141 26.80 -8.34 14.63
C PHE A 141 25.76 -7.50 15.36
N THR A 142 24.75 -7.06 14.63
CA THR A 142 23.79 -6.13 15.21
C THR A 142 22.37 -6.61 14.98
N VAL A 143 21.57 -6.61 16.04
CA VAL A 143 20.16 -6.94 15.93
C VAL A 143 19.32 -5.65 15.83
N LEU A 144 18.72 -5.42 14.66
CA LEU A 144 17.80 -4.32 14.49
C LEU A 144 16.35 -4.80 14.45
N ASP A 145 15.43 -3.84 14.39
CA ASP A 145 14.00 -4.12 14.22
C ASP A 145 13.41 -3.08 13.26
N ASN A 146 12.64 -3.54 12.27
CA ASN A 146 12.00 -2.61 11.31
C ASN A 146 10.83 -1.80 11.86
N SER A 147 10.24 -2.26 12.95
CA SER A 147 9.19 -1.50 13.61
C SER A 147 9.72 -0.12 14.03
N ALA A 148 11.01 -0.07 14.38
CA ALA A 148 11.66 1.19 14.68
C ALA A 148 11.43 2.26 13.60
N TRP A 149 11.56 1.88 12.32
CA TRP A 149 11.37 2.87 11.25
C TRP A 149 9.98 2.88 10.62
N TYR A 150 9.19 1.83 10.86
CA TYR A 150 7.81 1.79 10.38
C TYR A 150 6.82 2.56 11.28
N GLN A 151 7.12 2.60 12.58
CA GLN A 151 6.39 3.39 13.53
C GLN A 151 6.43 4.90 13.25
N LYS A 152 7.28 5.34 12.33
CA LYS A 152 7.35 6.76 11.99
C LYS A 152 6.84 6.97 10.57
N GLN A 153 6.27 5.92 9.99
CA GLN A 153 5.86 5.96 8.58
C GLN A 153 4.35 6.03 8.37
N HIS A 154 3.89 7.17 7.85
CA HIS A 154 2.47 7.35 7.53
C HIS A 154 2.12 6.92 6.10
N LEU A 155 1.07 6.10 6.01
CA LEU A 155 0.54 5.55 4.76
C LEU A 155 0.78 6.41 3.52
N VAL A 156 0.06 7.54 3.41
CA VAL A 156 0.12 8.36 2.20
C VAL A 156 1.53 8.93 1.95
N ASP A 157 2.29 9.14 3.01
CA ASP A 157 3.65 9.64 2.82
C ASP A 157 4.51 8.58 2.13
N PHE A 158 4.54 7.40 2.73
CA PHE A 158 5.17 6.25 2.09
C PHE A 158 4.74 6.14 0.63
N LEU A 159 3.43 5.97 0.41
CA LEU A 159 2.88 5.83 -0.93
C LEU A 159 3.33 6.97 -1.82
N ALA A 160 3.34 8.15 -1.24
CA ALA A 160 3.67 9.34 -2.01
C ALA A 160 5.15 9.35 -2.36
N ALA A 161 5.96 8.84 -1.43
CA ALA A 161 7.41 8.91 -1.57
C ALA A 161 7.98 7.83 -2.49
N VAL A 162 7.40 6.63 -2.41
CA VAL A 162 8.00 5.47 -3.05
C VAL A 162 7.05 4.75 -4.02
N GLY A 163 5.76 4.68 -3.67
CA GLY A 163 4.78 3.96 -4.46
C GLY A 163 4.91 4.16 -5.96
N GLY A 164 5.42 5.32 -6.37
CA GLY A 164 5.56 5.62 -7.78
C GLY A 164 6.74 4.94 -8.42
N HIS A 165 7.57 4.25 -7.61
CA HIS A 165 8.79 3.57 -8.09
C HIS A 165 8.66 2.06 -8.14
N PHE A 166 7.49 1.55 -7.77
CA PHE A 166 7.21 0.14 -7.88
C PHE A 166 6.24 -0.11 -9.01
N ARG A 167 6.75 -0.46 -10.18
CA ARG A 167 5.89 -0.84 -11.28
C ARG A 167 5.06 -2.04 -10.87
N MET A 168 3.75 -1.94 -11.06
CA MET A 168 2.85 -3.02 -10.70
C MET A 168 3.17 -4.36 -11.38
N GLY A 169 3.58 -4.33 -12.64
CA GLY A 169 3.99 -5.53 -13.36
C GLY A 169 5.08 -6.31 -12.64
N THR A 170 6.15 -5.60 -12.29
CA THR A 170 7.22 -6.13 -11.46
C THR A 170 6.65 -6.89 -10.26
N LEU A 171 5.99 -6.17 -9.35
CA LEU A 171 5.40 -6.78 -8.13
C LEU A 171 4.49 -7.96 -8.42
N LEU A 172 3.78 -7.90 -9.53
CA LEU A 172 2.84 -8.96 -9.87
C LEU A 172 3.51 -10.25 -10.41
N SER A 173 4.81 -10.17 -10.72
CA SER A 173 5.48 -11.24 -11.44
C SER A 173 6.52 -12.00 -10.62
N ARG A 174 6.36 -12.02 -9.30
CA ARG A 174 7.24 -12.83 -8.47
C ARG A 174 6.70 -14.23 -8.38
N GLN A 175 7.63 -15.20 -8.41
CA GLN A 175 7.28 -16.61 -8.29
C GLN A 175 6.88 -16.92 -6.86
N SER A 176 7.42 -16.13 -5.94
CA SER A 176 7.03 -16.22 -4.53
C SER A 176 5.54 -15.97 -4.36
N VAL A 177 4.97 -15.20 -5.30
CA VAL A 177 3.65 -14.61 -5.12
C VAL A 177 2.52 -15.40 -5.79
N GLN A 178 2.87 -16.42 -6.57
CA GLN A 178 1.86 -17.12 -7.36
C GLN A 178 0.99 -18.04 -6.52
N LEU A 179 1.58 -18.75 -5.56
CA LEU A 179 0.79 -19.69 -4.77
C LEU A 179 -0.44 -19.03 -4.17
N ARG A 180 -0.31 -17.77 -3.75
CA ARG A 180 -1.40 -17.03 -3.12
C ARG A 180 -2.22 -16.25 -4.14
N LEU A 181 -1.54 -15.59 -5.07
CA LEU A 181 -2.20 -14.83 -6.12
C LEU A 181 -3.09 -15.73 -6.96
N LYS A 182 -2.48 -16.75 -7.57
CA LYS A 182 -3.17 -17.65 -8.46
C LYS A 182 -4.06 -18.63 -7.70
N SER A 183 -4.13 -18.46 -6.38
CA SER A 183 -4.97 -19.32 -5.57
C SER A 183 -6.43 -19.09 -5.95
N PRO A 184 -7.29 -20.05 -5.60
CA PRO A 184 -8.74 -19.91 -5.81
C PRO A 184 -9.32 -18.69 -5.12
N GLU A 185 -8.89 -18.40 -3.90
CA GLU A 185 -9.46 -17.30 -3.11
C GLU A 185 -8.79 -15.96 -3.39
N GLY A 186 -7.56 -16.01 -3.89
CA GLY A 186 -6.82 -14.80 -4.17
C GLY A 186 -6.00 -14.36 -2.97
N MET A 187 -5.25 -13.29 -3.15
CA MET A 187 -4.38 -12.84 -2.08
C MET A 187 -4.84 -11.49 -1.55
N SER A 188 -4.88 -11.36 -0.23
CA SER A 188 -5.21 -10.09 0.37
C SER A 188 -4.29 -9.01 -0.17
N LEU A 189 -4.71 -7.78 -0.02
CA LEU A 189 -3.86 -6.64 -0.28
C LEU A 189 -2.61 -6.67 0.58
N ALA A 190 -2.77 -7.07 1.83
CA ALA A 190 -1.68 -7.10 2.80
C ALA A 190 -0.56 -8.02 2.34
N GLU A 191 -0.94 -9.26 1.98
CA GLU A 191 0.00 -10.28 1.52
C GLU A 191 0.84 -9.73 0.38
N PHE A 192 0.15 -9.11 -0.56
CA PHE A 192 0.80 -8.53 -1.71
C PHE A 192 1.70 -7.35 -1.34
N PHE A 193 1.31 -6.60 -0.34
CA PHE A 193 2.06 -5.39 -0.03
C PHE A 193 3.32 -5.73 0.72
N TYR A 194 3.27 -6.88 1.39
CA TYR A 194 4.41 -7.43 2.13
C TYR A 194 5.73 -7.27 1.42
N GLN A 195 5.82 -7.73 0.17
CA GLN A 195 7.08 -7.63 -0.54
C GLN A 195 7.61 -6.21 -0.59
N VAL A 196 6.70 -5.26 -0.67
CA VAL A 196 7.07 -3.86 -0.79
C VAL A 196 7.85 -3.36 0.44
N LEU A 197 7.40 -3.74 1.65
CA LEU A 197 8.12 -3.39 2.87
C LEU A 197 9.55 -3.96 2.88
N GLN A 198 9.67 -5.28 2.74
CA GLN A 198 10.99 -5.93 2.67
C GLN A 198 11.89 -5.23 1.67
N ALA A 199 11.33 -4.82 0.53
CA ALA A 199 12.07 -4.09 -0.48
C ALA A 199 12.56 -2.77 0.12
N TYR A 200 11.65 -2.10 0.83
CA TYR A 200 12.00 -0.85 1.48
C TYR A 200 13.06 -1.01 2.60
N ASP A 201 12.91 -2.02 3.46
CA ASP A 201 13.95 -2.36 4.45
C ASP A 201 15.37 -2.37 3.87
N PHE A 202 15.57 -3.23 2.89
CA PHE A 202 16.85 -3.30 2.17
C PHE A 202 17.28 -1.89 1.75
N TYR A 203 16.34 -1.06 1.33
CA TYR A 203 16.71 0.27 0.87
C TYR A 203 17.10 1.13 2.05
N TYR A 204 16.36 0.96 3.12
CA TYR A 204 16.64 1.67 4.36
C TYR A 204 18.04 1.38 4.89
N LEU A 205 18.34 0.10 5.12
CA LEU A 205 19.62 -0.27 5.76
C LEU A 205 20.77 0.13 4.85
N PHE A 206 20.57 -0.03 3.55
CA PHE A 206 21.59 0.32 2.58
C PHE A 206 21.91 1.79 2.67
N GLN A 207 20.89 2.60 2.86
CA GLN A 207 21.04 4.04 3.04
C GLN A 207 21.83 4.36 4.31
N ARG A 208 21.43 3.72 5.42
CA ARG A 208 21.87 4.16 6.72
C ARG A 208 23.14 3.48 7.15
N TYR A 209 23.29 2.23 6.72
CA TYR A 209 24.41 1.39 7.11
C TYR A 209 25.21 0.94 5.90
N GLY A 210 24.95 1.54 4.76
CA GLY A 210 25.69 1.19 3.55
C GLY A 210 25.74 -0.31 3.29
N CYS A 211 24.81 -1.03 3.93
CA CYS A 211 24.60 -2.45 3.68
C CYS A 211 24.17 -2.75 2.23
N ARG A 212 24.93 -3.57 1.54
CA ARG A 212 24.69 -3.82 0.12
C ARG A 212 24.54 -5.28 -0.19
N VAL A 213 24.14 -6.06 0.81
CA VAL A 213 23.90 -7.48 0.61
C VAL A 213 22.82 -7.99 1.54
N GLN A 214 21.84 -8.67 0.97
CA GLN A 214 20.81 -9.31 1.75
C GLN A 214 20.86 -10.80 1.55
N LEU A 215 20.65 -11.54 2.63
CA LEU A 215 20.70 -12.99 2.59
C LEU A 215 19.50 -13.58 3.30
N GLY A 216 19.00 -14.69 2.78
CA GLY A 216 17.87 -15.40 3.39
C GLY A 216 17.80 -16.77 2.76
N GLY A 217 16.81 -17.57 3.15
CA GLY A 217 16.53 -18.85 2.52
C GLY A 217 16.21 -18.65 1.04
N SER A 218 15.97 -19.77 0.33
CA SER A 218 15.67 -19.67 -1.09
C SER A 218 14.26 -19.13 -1.33
N ASP A 219 13.35 -19.45 -0.42
CA ASP A 219 11.98 -18.89 -0.44
C ASP A 219 11.92 -17.35 -0.49
N GLN A 220 13.07 -16.71 -0.37
CA GLN A 220 13.13 -15.27 -0.25
C GLN A 220 13.74 -14.64 -1.46
N LEU A 221 13.94 -15.43 -2.51
CA LEU A 221 14.57 -14.92 -3.73
C LEU A 221 13.75 -13.75 -4.22
N GLY A 222 12.46 -14.00 -4.42
CA GLY A 222 11.54 -12.98 -4.87
C GLY A 222 11.71 -11.67 -4.13
N ASN A 223 11.55 -11.72 -2.81
CA ASN A 223 11.56 -10.47 -2.04
C ASN A 223 12.85 -9.67 -2.23
N ILE A 224 13.98 -10.35 -2.02
CA ILE A 224 15.30 -9.75 -2.19
C ILE A 224 15.45 -9.09 -3.57
N MET A 225 14.98 -9.80 -4.60
CA MET A 225 14.87 -9.24 -5.95
C MET A 225 14.26 -7.84 -5.92
N SER A 226 13.07 -7.74 -5.31
CA SER A 226 12.35 -6.48 -5.25
C SER A 226 13.29 -5.42 -4.70
N GLY A 227 14.01 -5.78 -3.65
CA GLY A 227 14.97 -4.89 -3.02
C GLY A 227 16.03 -4.31 -3.93
N TYR A 228 16.77 -5.14 -4.66
CA TYR A 228 17.85 -4.62 -5.47
C TYR A 228 17.39 -3.91 -6.75
N GLU A 229 16.22 -4.29 -7.26
CA GLU A 229 15.65 -3.59 -8.41
C GLU A 229 15.21 -2.20 -7.98
N PHE A 230 14.56 -2.16 -6.83
CA PHE A 230 14.06 -0.93 -6.25
C PHE A 230 15.22 0.02 -5.94
N ILE A 231 16.26 -0.51 -5.34
CA ILE A 231 17.41 0.31 -5.02
C ILE A 231 18.03 0.81 -6.31
N ASN A 232 18.08 -0.07 -7.31
CA ASN A 232 18.58 0.28 -8.62
C ASN A 232 17.76 1.33 -9.41
N LYS A 233 16.44 1.29 -9.25
CA LYS A 233 15.60 2.32 -9.85
C LYS A 233 15.95 3.69 -9.27
N LEU A 234 16.24 3.73 -7.97
CA LEU A 234 16.47 4.98 -7.26
C LEU A 234 17.89 5.47 -7.43
N THR A 235 18.84 4.57 -7.19
CA THR A 235 20.25 4.87 -7.37
C THR A 235 20.82 3.80 -8.27
N GLY A 236 21.60 4.21 -9.28
CA GLY A 236 22.19 3.25 -10.18
C GLY A 236 23.01 2.23 -9.43
N GLU A 237 22.92 2.31 -8.10
CA GLU A 237 23.71 1.48 -7.21
C GLU A 237 23.38 -0.01 -7.30
N ASP A 238 24.43 -0.82 -7.31
CA ASP A 238 24.28 -2.28 -7.38
C ASP A 238 24.50 -2.92 -6.01
N VAL A 239 23.41 -3.44 -5.44
CA VAL A 239 23.48 -4.23 -4.21
C VAL A 239 23.20 -5.66 -4.58
N PHE A 240 23.22 -6.57 -3.60
CA PHE A 240 23.17 -7.98 -3.95
C PHE A 240 22.39 -8.84 -3.00
N GLY A 241 22.05 -10.04 -3.49
CA GLY A 241 21.39 -11.04 -2.66
C GLY A 241 22.13 -12.36 -2.68
N ILE A 242 21.98 -13.12 -1.59
CA ILE A 242 22.57 -14.44 -1.45
C ILE A 242 21.53 -15.35 -0.85
N THR A 243 21.41 -16.57 -1.39
CA THR A 243 20.49 -17.52 -0.78
C THR A 243 21.19 -18.71 -0.16
N VAL A 244 20.44 -19.47 0.61
CA VAL A 244 20.95 -20.66 1.28
C VAL A 244 19.87 -21.73 1.21
N PRO A 245 20.28 -23.01 1.24
CA PRO A 245 19.31 -24.09 1.07
C PRO A 245 18.20 -24.10 2.15
N LEU A 246 17.07 -24.73 1.85
CA LEU A 246 15.99 -24.96 2.79
C LEU A 246 16.00 -26.42 3.27
N ILE A 247 16.03 -26.62 4.59
CA ILE A 247 16.06 -27.98 5.12
C ILE A 247 14.67 -28.50 5.51
N THR A 248 14.52 -29.82 5.42
CA THR A 248 13.21 -30.47 5.49
C THR A 248 13.19 -31.58 6.53
N ALA A 262 8.98 -27.37 14.21
CA ALA A 262 8.83 -28.40 15.23
C ALA A 262 10.09 -28.50 16.10
N VAL A 263 11.21 -27.99 15.60
CA VAL A 263 12.49 -28.04 16.34
C VAL A 263 12.99 -26.68 16.77
N TRP A 264 12.83 -26.37 18.06
CA TRP A 264 13.02 -25.02 18.57
C TRP A 264 14.39 -24.73 19.14
N LEU A 265 14.85 -23.50 18.89
CA LEU A 265 16.09 -23.02 19.48
C LEU A 265 15.88 -22.60 20.92
N ASN A 266 14.64 -22.71 21.39
CA ASN A 266 14.29 -22.27 22.73
C ASN A 266 14.26 -23.40 23.76
N ARG A 267 15.12 -23.29 24.78
CA ARG A 267 15.24 -24.30 25.82
C ARG A 267 13.87 -24.64 26.40
N ASP A 268 12.98 -23.65 26.44
CA ASP A 268 11.64 -23.83 26.96
C ASP A 268 10.79 -24.68 26.03
N LYS A 269 10.89 -24.41 24.72
CA LYS A 269 10.14 -25.18 23.73
C LYS A 269 10.78 -26.53 23.47
N THR A 270 12.07 -26.51 23.12
CA THR A 270 12.84 -27.72 22.84
C THR A 270 14.10 -27.78 23.69
N SER A 271 14.15 -28.75 24.61
CA SER A 271 15.27 -28.87 25.54
C SER A 271 16.57 -29.06 24.77
N PRO A 272 17.71 -28.63 25.35
CA PRO A 272 18.96 -28.92 24.66
C PRO A 272 19.12 -30.41 24.33
N PHE A 273 18.54 -31.28 25.15
CA PHE A 273 18.58 -32.71 24.88
C PHE A 273 17.72 -33.07 23.68
N GLU A 274 16.44 -32.70 23.74
CA GLU A 274 15.54 -32.91 22.63
C GLU A 274 16.21 -32.54 21.32
N LEU A 275 16.77 -31.33 21.27
CA LEU A 275 17.44 -30.81 20.08
C LEU A 275 18.60 -31.69 19.63
N TYR A 276 19.31 -32.27 20.59
CA TYR A 276 20.44 -33.17 20.29
C TYR A 276 19.92 -34.38 19.52
N GLN A 277 18.73 -34.83 19.88
CA GLN A 277 18.16 -36.03 19.30
C GLN A 277 17.78 -35.85 17.85
N PHE A 278 17.46 -34.62 17.48
CA PHE A 278 17.09 -34.32 16.10
C PHE A 278 18.31 -34.47 15.23
N PHE A 279 19.47 -34.11 15.78
CA PHE A 279 20.72 -34.20 15.05
C PHE A 279 21.42 -35.53 15.19
N VAL A 280 21.01 -36.32 16.17
CA VAL A 280 21.58 -37.64 16.37
C VAL A 280 20.79 -38.71 15.61
N ARG A 281 19.47 -38.61 15.63
CA ARG A 281 18.62 -39.47 14.83
C ARG A 281 18.63 -39.01 13.39
N GLN A 282 19.74 -39.23 12.71
CA GLN A 282 19.89 -38.81 11.32
C GLN A 282 20.45 -39.94 10.45
N PRO A 283 19.93 -40.03 9.22
CA PRO A 283 20.40 -40.97 8.21
C PRO A 283 21.82 -40.65 7.78
N ASP A 284 22.60 -41.68 7.47
CA ASP A 284 24.00 -41.50 7.09
C ASP A 284 24.17 -40.70 5.80
N ASP A 285 23.21 -40.81 4.89
CA ASP A 285 23.29 -40.09 3.62
C ASP A 285 23.23 -38.59 3.83
N SER A 286 22.72 -38.19 4.99
CA SER A 286 22.48 -36.78 5.28
C SER A 286 23.58 -36.18 6.15
N VAL A 287 24.00 -36.93 7.18
CA VAL A 287 24.99 -36.43 8.13
C VAL A 287 26.22 -35.85 7.43
N GLU A 288 26.42 -36.28 6.19
CA GLU A 288 27.42 -35.68 5.34
C GLU A 288 27.15 -34.19 5.18
N ARG A 289 25.99 -33.87 4.60
CA ARG A 289 25.58 -32.50 4.25
C ARG A 289 25.38 -31.63 5.48
N TYR A 290 24.73 -32.19 6.50
CA TYR A 290 24.45 -31.43 7.71
C TYR A 290 25.70 -30.98 8.45
N LEU A 291 26.77 -31.76 8.36
CA LEU A 291 28.04 -31.35 8.94
C LEU A 291 28.56 -30.11 8.21
N LYS A 292 28.44 -30.13 6.89
CA LYS A 292 28.89 -29.02 6.06
C LYS A 292 27.94 -27.85 6.21
N LEU A 293 26.85 -28.09 6.92
CA LEU A 293 25.71 -27.20 6.92
C LEU A 293 25.60 -26.45 8.22
N PHE A 294 25.69 -27.20 9.32
CA PHE A 294 25.45 -26.67 10.65
C PHE A 294 26.69 -26.52 11.51
N THR A 295 27.87 -26.74 10.94
CA THR A 295 29.09 -26.68 11.73
C THR A 295 30.18 -25.84 11.06
N PHE A 296 31.20 -25.51 11.84
CA PHE A 296 32.32 -24.73 11.33
C PHE A 296 33.55 -25.59 11.02
N LEU A 297 33.46 -26.89 11.33
CA LEU A 297 34.57 -27.79 11.07
C LEU A 297 35.05 -27.60 9.65
N PRO A 298 36.37 -27.44 9.47
CA PRO A 298 36.89 -27.26 8.12
C PRO A 298 36.49 -28.47 7.30
N LEU A 299 36.44 -28.37 5.98
CA LEU A 299 36.02 -29.51 5.17
C LEU A 299 36.92 -30.76 5.34
N PRO A 300 38.24 -30.57 5.40
CA PRO A 300 39.13 -31.71 5.67
C PRO A 300 38.80 -32.44 6.96
N GLU A 301 38.59 -31.71 8.05
CA GLU A 301 38.27 -32.35 9.32
C GLU A 301 37.00 -33.17 9.13
N ILE A 302 36.07 -32.65 8.35
CA ILE A 302 34.79 -33.34 8.13
C ILE A 302 35.10 -34.62 7.38
N ASP A 303 35.82 -34.46 6.26
CA ASP A 303 36.24 -35.55 5.39
C ASP A 303 36.70 -36.75 6.18
N HIS A 304 37.69 -36.51 7.06
CA HIS A 304 38.21 -37.56 7.91
C HIS A 304 37.11 -38.22 8.74
N ILE A 305 36.34 -37.40 9.44
CA ILE A 305 35.25 -37.88 10.27
C ILE A 305 34.41 -38.95 9.57
N MET A 306 34.16 -38.74 8.28
CA MET A 306 33.36 -39.66 7.47
C MET A 306 34.16 -40.90 7.08
N GLN A 307 35.28 -40.72 6.40
CA GLN A 307 36.15 -41.84 6.03
C GLN A 307 36.43 -42.72 7.26
N LEU A 308 36.50 -42.07 8.41
CA LEU A 308 36.62 -42.77 9.67
C LEU A 308 35.33 -43.52 9.99
N HIS A 309 34.21 -42.89 9.69
CA HIS A 309 32.92 -43.47 10.05
C HIS A 309 32.69 -44.84 9.42
N VAL A 310 33.21 -45.04 8.21
CA VAL A 310 33.00 -46.29 7.52
C VAL A 310 33.72 -47.46 8.21
N LYS A 311 34.93 -47.20 8.68
CA LYS A 311 35.65 -48.15 9.51
C LYS A 311 34.91 -48.43 10.82
N GLU A 312 33.96 -47.57 11.16
CA GLU A 312 33.14 -47.74 12.37
C GLU A 312 31.76 -47.16 12.19
N PRO A 313 30.92 -47.82 11.38
CA PRO A 313 29.57 -47.33 11.08
C PRO A 313 28.68 -47.37 12.32
N GLU A 314 28.89 -48.41 13.13
CA GLU A 314 28.13 -48.60 14.35
C GLU A 314 28.26 -47.43 15.32
N ARG A 315 29.25 -46.56 15.08
CA ARG A 315 29.59 -45.50 16.02
C ARG A 315 28.66 -44.27 16.03
N ARG A 316 27.97 -44.04 14.92
CA ARG A 316 27.17 -42.84 14.79
C ARG A 316 28.06 -41.63 15.12
N GLY A 317 29.34 -41.75 14.77
CA GLY A 317 30.34 -40.72 15.03
C GLY A 317 30.12 -39.36 14.40
N PRO A 318 29.76 -39.32 13.11
CA PRO A 318 29.47 -38.02 12.50
C PRO A 318 28.25 -37.34 13.13
N GLN A 319 27.25 -38.13 13.54
CA GLN A 319 26.09 -37.58 14.24
C GLN A 319 26.49 -37.09 15.63
N LYS A 320 27.33 -37.85 16.32
CA LYS A 320 27.70 -37.45 17.67
C LYS A 320 28.56 -36.19 17.61
N ARG A 321 28.95 -35.84 16.39
CA ARG A 321 29.76 -34.64 16.17
C ARG A 321 28.89 -33.45 15.81
N LEU A 322 28.03 -33.66 14.82
CA LEU A 322 27.07 -32.66 14.39
C LEU A 322 26.26 -32.21 15.59
N ALA A 323 25.69 -33.19 16.30
CA ALA A 323 24.87 -32.91 17.45
C ALA A 323 25.60 -32.08 18.48
N ALA A 324 26.86 -32.38 18.71
CA ALA A 324 27.66 -31.64 19.68
C ALA A 324 27.88 -30.21 19.21
N GLU A 325 28.46 -30.06 18.02
CA GLU A 325 28.70 -28.74 17.45
C GLU A 325 27.48 -27.80 17.57
N VAL A 326 26.33 -28.26 17.08
CA VAL A 326 25.11 -27.46 17.07
C VAL A 326 24.65 -27.10 18.48
N THR A 327 24.37 -28.10 19.31
CA THR A 327 23.94 -27.87 20.69
C THR A 327 24.86 -26.96 21.48
N LYS A 328 26.11 -26.89 21.06
CA LYS A 328 27.09 -26.04 21.71
C LYS A 328 26.74 -24.61 21.33
N LEU A 329 26.38 -24.41 20.06
CA LEU A 329 26.11 -23.08 19.52
C LEU A 329 24.79 -22.47 20.01
N VAL A 330 23.77 -23.29 20.12
CA VAL A 330 22.46 -22.82 20.53
C VAL A 330 22.34 -22.74 22.06
N HIS A 331 22.82 -23.75 22.76
CA HIS A 331 22.66 -23.79 24.20
C HIS A 331 23.92 -23.62 25.05
N GLY A 332 25.06 -23.36 24.41
CA GLY A 332 26.32 -23.18 25.12
C GLY A 332 26.90 -24.45 25.73
N ARG A 333 28.08 -24.33 26.34
CA ARG A 333 28.78 -25.49 26.91
C ARG A 333 27.90 -26.27 27.87
N GLU A 334 27.27 -25.53 28.78
CA GLU A 334 26.32 -26.11 29.71
C GLU A 334 25.32 -27.04 29.01
N GLY A 335 24.62 -26.50 28.01
CA GLY A 335 23.61 -27.24 27.27
C GLY A 335 24.16 -28.51 26.67
N LEU A 336 25.31 -28.42 26.02
CA LEU A 336 25.97 -29.59 25.50
C LEU A 336 26.09 -30.63 26.61
N ASP A 337 26.59 -30.19 27.77
CA ASP A 337 26.84 -31.07 28.91
C ASP A 337 25.57 -31.69 29.46
N SER A 338 24.56 -30.85 29.65
CA SER A 338 23.29 -31.31 30.17
C SER A 338 22.54 -32.09 29.10
N ALA A 339 23.24 -32.43 28.02
CA ALA A 339 22.69 -33.31 26.99
C ALA A 339 23.61 -34.49 26.82
N LYS A 340 24.91 -34.22 26.77
CA LYS A 340 25.88 -35.30 26.74
C LYS A 340 25.53 -36.24 27.88
N ARG A 341 25.47 -35.67 29.08
CA ARG A 341 25.12 -36.43 30.27
C ARG A 341 23.80 -37.19 30.12
N CYS A 342 22.74 -36.47 29.76
CA CYS A 342 21.40 -37.07 29.66
C CYS A 342 21.37 -38.38 28.87
N THR A 343 21.88 -38.35 27.64
CA THR A 343 21.87 -39.56 26.81
C THR A 343 22.72 -40.67 27.42
N GLN A 344 23.98 -40.33 27.73
CA GLN A 344 24.95 -41.30 28.23
C GLN A 344 24.36 -42.29 29.22
N ALA A 345 23.57 -41.79 30.16
CA ALA A 345 22.89 -42.68 31.10
C ALA A 345 21.68 -43.30 30.43
N LEU A 346 21.91 -44.28 29.57
CA LEU A 346 20.82 -44.94 28.86
C LEU A 346 21.37 -46.01 27.93
N TYR A 347 21.33 -45.86 26.69
N GLY B 10 -40.53 12.42 -8.46
CA GLY B 10 -39.56 11.97 -7.48
C GLY B 10 -38.24 12.73 -7.55
N LEU B 11 -37.41 12.59 -6.51
CA LEU B 11 -36.18 13.38 -6.43
C LEU B 11 -35.16 12.88 -7.43
N LEU B 12 -34.87 11.59 -7.37
CA LEU B 12 -33.98 10.94 -8.30
C LEU B 12 -34.55 11.00 -9.71
N ALA B 13 -35.88 10.95 -9.78
CA ALA B 13 -36.60 11.04 -11.05
C ALA B 13 -36.25 12.33 -11.78
N ALA B 14 -36.35 13.45 -11.07
CA ALA B 14 -36.09 14.76 -11.66
C ALA B 14 -34.67 14.86 -12.17
N GLN B 15 -33.73 14.27 -11.43
CA GLN B 15 -32.30 14.36 -11.72
C GLN B 15 -31.87 13.43 -12.84
N LYS B 16 -32.40 12.21 -12.85
CA LYS B 16 -32.16 11.28 -13.94
C LYS B 16 -32.78 11.85 -15.21
N ALA B 17 -33.97 12.43 -15.03
CA ALA B 17 -34.72 13.10 -16.09
C ALA B 17 -33.99 14.33 -16.66
N ARG B 18 -33.47 15.18 -15.78
CA ARG B 18 -32.73 16.37 -16.22
C ARG B 18 -31.44 16.00 -16.95
N GLY B 19 -30.89 14.80 -16.65
CA GLY B 19 -29.62 14.36 -17.23
C GLY B 19 -28.44 14.60 -16.29
N LEU B 20 -28.73 14.61 -15.00
CA LEU B 20 -27.71 14.91 -14.02
C LEU B 20 -27.32 13.63 -13.29
N PHE B 21 -28.31 12.80 -12.99
CA PHE B 21 -28.02 11.55 -12.32
C PHE B 21 -27.92 10.45 -13.35
N LYS B 22 -26.74 10.38 -13.95
CA LYS B 22 -26.41 9.36 -14.94
C LYS B 22 -26.85 7.97 -14.49
N ASP B 23 -26.40 7.51 -13.32
CA ASP B 23 -26.63 6.14 -12.93
C ASP B 23 -26.59 6.03 -11.41
N PHE B 24 -27.07 4.91 -10.88
CA PHE B 24 -26.84 4.58 -9.47
C PHE B 24 -26.83 3.08 -9.11
N PHE B 25 -26.02 2.75 -8.12
CA PHE B 25 -25.69 1.37 -7.82
C PHE B 25 -25.64 1.15 -6.32
N PRO B 26 -25.75 -0.11 -5.88
CA PRO B 26 -25.87 -1.29 -6.74
C PRO B 26 -27.28 -1.47 -7.29
N PRO B 46 -33.68 11.67 6.63
CA PRO B 46 -32.63 12.55 6.11
C PRO B 46 -31.31 11.79 5.89
N GLN B 47 -30.81 11.77 4.66
CA GLN B 47 -29.60 11.03 4.31
C GLN B 47 -28.36 11.90 4.27
N THR B 48 -27.22 11.25 4.02
CA THR B 48 -25.93 11.92 3.96
C THR B 48 -25.14 11.45 2.75
N ILE B 49 -24.71 12.39 1.91
CA ILE B 49 -24.12 12.08 0.61
C ILE B 49 -22.80 12.82 0.44
N TYR B 50 -21.85 12.23 -0.27
CA TYR B 50 -20.59 12.92 -0.48
C TYR B 50 -19.96 12.78 -1.84
N CYS B 51 -19.12 13.75 -2.15
CA CYS B 51 -18.35 13.73 -3.37
C CYS B 51 -17.00 14.40 -3.10
N GLY B 52 -15.94 13.81 -3.64
CA GLY B 52 -14.58 14.29 -3.44
C GLY B 52 -14.03 15.09 -4.60
N PHE B 53 -13.14 16.03 -4.27
CA PHE B 53 -12.56 16.93 -5.25
C PHE B 53 -11.10 17.07 -5.02
N ASP B 54 -10.29 16.40 -5.83
CA ASP B 54 -8.84 16.39 -5.62
C ASP B 54 -8.20 17.74 -5.92
N PRO B 55 -7.55 18.33 -4.91
CA PRO B 55 -6.88 19.63 -4.99
C PRO B 55 -5.59 19.56 -5.79
N THR B 56 -5.67 19.03 -7.00
CA THR B 56 -4.51 18.96 -7.90
C THR B 56 -4.30 20.29 -8.61
N ALA B 57 -5.21 21.23 -8.33
CA ALA B 57 -5.00 22.63 -8.66
C ALA B 57 -5.68 23.43 -7.57
N ASP B 58 -5.44 24.73 -7.58
CA ASP B 58 -6.02 25.64 -6.59
C ASP B 58 -7.45 26.06 -6.96
N SER B 59 -7.89 25.69 -8.15
CA SER B 59 -9.19 26.13 -8.64
C SER B 59 -10.06 24.97 -9.11
N LEU B 60 -11.36 25.12 -8.93
CA LEU B 60 -12.31 24.17 -9.51
C LEU B 60 -12.57 24.61 -10.94
N HIS B 61 -13.12 23.72 -11.75
CA HIS B 61 -13.45 24.09 -13.11
C HIS B 61 -14.86 23.61 -13.44
N VAL B 62 -15.35 24.00 -14.61
CA VAL B 62 -16.73 23.76 -15.00
C VAL B 62 -17.20 22.31 -14.88
N GLY B 63 -16.29 21.38 -15.08
CA GLY B 63 -16.59 19.98 -14.91
C GLY B 63 -16.90 19.63 -13.46
N HIS B 64 -16.06 20.11 -12.55
CA HIS B 64 -16.30 19.96 -11.12
C HIS B 64 -17.68 20.49 -10.76
N LEU B 65 -18.06 21.55 -11.46
CA LEU B 65 -19.32 22.22 -11.23
C LEU B 65 -20.50 21.27 -11.28
N LEU B 66 -20.46 20.35 -12.24
CA LEU B 66 -21.52 19.38 -12.45
C LEU B 66 -21.69 18.43 -11.27
N ALA B 67 -20.59 17.85 -10.78
CA ALA B 67 -20.64 16.99 -9.60
C ALA B 67 -21.15 17.75 -8.37
N LEU B 68 -20.68 18.97 -8.22
CA LEU B 68 -21.10 19.81 -7.12
C LEU B 68 -22.61 20.07 -7.19
N LEU B 69 -23.12 20.40 -8.38
CA LEU B 69 -24.57 20.57 -8.53
C LEU B 69 -25.32 19.36 -8.02
N GLY B 70 -24.88 18.18 -8.45
CA GLY B 70 -25.47 16.93 -7.98
C GLY B 70 -25.69 17.01 -6.49
N LEU B 71 -24.72 17.60 -5.77
CA LEU B 71 -24.84 17.74 -4.33
C LEU B 71 -25.88 18.78 -3.99
N PHE B 72 -25.81 19.93 -4.66
CA PHE B 72 -26.76 21.00 -4.45
C PHE B 72 -28.19 20.53 -4.71
N HIS B 73 -28.38 19.64 -5.68
CA HIS B 73 -29.73 19.11 -5.93
C HIS B 73 -30.18 18.22 -4.77
N LEU B 74 -29.29 17.39 -4.25
CA LEU B 74 -29.61 16.60 -3.04
C LEU B 74 -29.79 17.43 -1.77
N GLN B 75 -29.04 18.53 -1.68
CA GLN B 75 -29.16 19.42 -0.55
C GLN B 75 -30.50 20.16 -0.52
N ARG B 76 -30.91 20.69 -1.67
CA ARG B 76 -32.18 21.39 -1.76
C ARG B 76 -33.32 20.43 -1.41
N ALA B 77 -33.21 19.20 -1.93
CA ALA B 77 -34.17 18.15 -1.64
C ALA B 77 -34.20 17.81 -0.16
N GLY B 78 -33.36 18.48 0.63
CA GLY B 78 -33.39 18.38 2.07
C GLY B 78 -32.29 17.58 2.72
N HIS B 79 -31.43 16.97 1.91
CA HIS B 79 -30.42 16.07 2.42
C HIS B 79 -29.15 16.79 2.85
N ASN B 80 -28.38 16.12 3.70
CA ASN B 80 -27.07 16.61 4.13
C ASN B 80 -25.97 16.15 3.18
N VAL B 81 -25.20 17.12 2.67
CA VAL B 81 -24.10 16.79 1.79
C VAL B 81 -22.76 17.28 2.33
N ILE B 82 -21.73 16.53 1.95
CA ILE B 82 -20.34 16.75 2.33
C ILE B 82 -19.52 16.85 1.07
N ALA B 83 -18.91 18.01 0.83
CA ALA B 83 -17.99 18.13 -0.29
C ALA B 83 -16.59 17.99 0.26
N LEU B 84 -15.94 16.88 -0.10
CA LEU B 84 -14.64 16.48 0.45
C LEU B 84 -13.44 16.97 -0.37
N VAL B 85 -12.48 17.59 0.30
CA VAL B 85 -11.21 17.93 -0.35
C VAL B 85 -10.17 16.79 -0.18
N GLY B 86 -9.51 16.41 -1.28
CA GLY B 86 -8.56 15.30 -1.27
C GLY B 86 -7.14 15.72 -0.98
N GLY B 87 -6.93 16.36 0.18
CA GLY B 87 -5.61 16.78 0.61
C GLY B 87 -4.58 15.66 0.55
N ALA B 88 -4.92 14.52 1.14
CA ALA B 88 -4.10 13.31 1.04
C ALA B 88 -4.00 12.74 -0.39
N THR B 89 -5.15 12.42 -0.97
CA THR B 89 -5.20 11.68 -2.24
C THR B 89 -4.62 12.40 -3.46
N ALA B 90 -4.49 13.73 -3.38
CA ALA B 90 -4.01 14.47 -4.54
C ALA B 90 -2.48 14.43 -4.59
N ARG B 91 -1.87 14.00 -3.49
CA ARG B 91 -0.43 13.81 -3.44
C ARG B 91 -0.06 12.65 -4.35
N LEU B 92 -0.91 11.63 -4.33
CA LEU B 92 -0.80 10.46 -5.19
C LEU B 92 -1.27 10.78 -6.61
N GLY B 93 -2.57 11.08 -6.71
CA GLY B 93 -3.22 11.37 -7.98
C GLY B 93 -4.14 10.25 -8.42
N ASP B 94 -5.31 10.60 -8.93
CA ASP B 94 -6.25 9.59 -9.46
C ASP B 94 -5.81 9.00 -10.81
N PRO B 95 -5.65 7.68 -10.86
CA PRO B 95 -5.32 7.01 -12.12
C PRO B 95 -6.53 6.98 -13.07
N SER B 96 -7.74 6.99 -12.51
CA SER B 96 -8.98 6.78 -13.25
C SER B 96 -9.09 7.55 -14.57
N GLY B 97 -9.29 6.79 -15.66
CA GLY B 97 -9.49 7.35 -16.99
C GLY B 97 -8.22 7.91 -17.62
N ARG B 98 -7.10 7.76 -16.92
CA ARG B 98 -5.84 8.32 -17.39
C ARG B 98 -4.98 7.28 -18.09
N THR B 99 -4.39 7.70 -19.21
CA THR B 99 -3.52 6.82 -19.96
C THR B 99 -2.06 7.01 -19.56
N LYS B 100 -1.78 8.12 -18.86
CA LYS B 100 -0.42 8.48 -18.50
C LYS B 100 -0.23 8.75 -17.00
N GLU B 101 0.98 8.47 -16.52
CA GLU B 101 1.32 8.71 -15.12
C GLU B 101 1.45 10.22 -14.87
N ARG B 102 0.97 10.67 -13.71
CA ARG B 102 0.97 12.09 -13.36
C ARG B 102 2.34 12.60 -12.92
N GLU B 103 2.54 13.91 -13.02
CA GLU B 103 3.75 14.52 -12.49
C GLU B 103 3.60 14.66 -10.98
N ALA B 104 4.23 13.75 -10.25
CA ALA B 104 4.20 13.79 -8.79
C ALA B 104 4.17 15.25 -8.32
N LEU B 105 3.25 15.55 -7.41
CA LEU B 105 3.09 16.92 -6.94
C LEU B 105 3.75 17.21 -5.60
N GLU B 106 4.42 18.35 -5.51
CA GLU B 106 5.13 18.79 -4.30
C GLU B 106 4.15 18.79 -3.14
N THR B 107 4.49 18.05 -2.09
CA THR B 107 3.58 17.90 -0.94
C THR B 107 3.04 19.23 -0.37
N GLU B 108 3.65 20.34 -0.76
CA GLU B 108 3.32 21.66 -0.22
C GLU B 108 2.38 22.41 -1.16
N ARG B 109 2.68 22.33 -2.46
CA ARG B 109 1.77 22.85 -3.47
C ARG B 109 0.36 22.25 -3.31
N VAL B 110 0.32 20.96 -2.97
CA VAL B 110 -0.95 20.27 -2.72
C VAL B 110 -1.63 20.79 -1.44
N ARG B 111 -0.84 21.11 -0.43
CA ARG B 111 -1.40 21.69 0.80
C ARG B 111 -2.03 23.04 0.53
N ALA B 112 -1.41 23.82 -0.37
CA ALA B 112 -1.92 25.14 -0.70
C ALA B 112 -3.26 25.03 -1.39
N ASN B 113 -3.22 24.33 -2.52
CA ASN B 113 -4.40 24.04 -3.33
C ASN B 113 -5.59 23.56 -2.51
N ALA B 114 -5.33 22.69 -1.53
CA ALA B 114 -6.37 22.18 -0.62
C ALA B 114 -7.05 23.29 0.15
N ARG B 115 -6.30 24.34 0.44
CA ARG B 115 -6.87 25.45 1.21
C ARG B 115 -7.60 26.41 0.31
N ALA B 116 -7.18 26.45 -0.96
CA ALA B 116 -7.86 27.22 -2.00
C ALA B 116 -9.21 26.59 -2.35
N LEU B 117 -9.20 25.28 -2.54
CA LEU B 117 -10.42 24.54 -2.82
C LEU B 117 -11.47 24.73 -1.70
N ARG B 118 -11.10 24.45 -0.45
CA ARG B 118 -12.04 24.61 0.66
C ARG B 118 -12.72 25.96 0.56
N LEU B 119 -11.91 26.99 0.35
CA LEU B 119 -12.42 28.33 0.18
C LEU B 119 -13.39 28.44 -0.99
N GLY B 120 -13.04 27.78 -2.09
CA GLY B 120 -13.87 27.83 -3.28
C GLY B 120 -15.22 27.17 -3.10
N LEU B 121 -15.28 26.13 -2.27
CA LEU B 121 -16.52 25.37 -2.12
C LEU B 121 -17.45 26.02 -1.10
N GLU B 122 -16.86 26.63 -0.08
CA GLU B 122 -17.65 27.41 0.87
C GLU B 122 -18.18 28.64 0.15
N ALA B 123 -17.45 29.08 -0.87
CA ALA B 123 -17.84 30.27 -1.62
C ALA B 123 -19.04 29.98 -2.48
N LEU B 124 -18.93 28.93 -3.32
CA LEU B 124 -20.03 28.46 -4.15
C LEU B 124 -21.29 28.20 -3.32
N ALA B 125 -21.16 27.32 -2.33
CA ALA B 125 -22.25 27.04 -1.40
C ALA B 125 -22.84 28.31 -0.82
N ALA B 126 -22.02 29.35 -0.74
CA ALA B 126 -22.51 30.66 -0.30
C ALA B 126 -23.47 31.29 -1.33
N ASN B 127 -23.05 31.45 -2.57
CA ASN B 127 -23.90 32.04 -3.60
C ASN B 127 -25.18 31.23 -3.74
N HIS B 128 -25.04 29.92 -3.73
CA HIS B 128 -26.17 29.03 -3.88
C HIS B 128 -27.19 29.19 -2.77
N GLN B 129 -26.75 29.60 -1.58
CA GLN B 129 -27.65 29.74 -0.44
C GLN B 129 -28.39 31.10 -0.37
N GLN B 130 -27.89 32.10 -1.10
CA GLN B 130 -28.64 33.36 -1.16
C GLN B 130 -29.32 33.57 -2.54
N LEU B 131 -28.61 33.31 -3.63
CA LEU B 131 -29.12 33.67 -4.94
C LEU B 131 -30.04 32.63 -5.56
N PHE B 132 -30.27 31.51 -4.86
CA PHE B 132 -31.13 30.45 -5.40
C PHE B 132 -32.01 29.77 -4.35
N THR B 133 -32.52 30.56 -3.40
CA THR B 133 -33.47 30.09 -2.40
C THR B 133 -34.79 29.69 -3.04
N ASP B 134 -35.47 28.72 -2.43
CA ASP B 134 -36.80 28.31 -2.91
C ASP B 134 -37.77 28.02 -1.77
N GLY B 135 -37.51 28.64 -0.61
CA GLY B 135 -38.40 28.54 0.52
C GLY B 135 -38.46 27.15 1.13
N ARG B 136 -37.86 26.18 0.43
CA ARG B 136 -37.75 24.82 0.94
C ARG B 136 -36.80 24.81 2.10
N SER B 137 -37.01 23.88 3.01
CA SER B 137 -36.10 23.69 4.13
C SER B 137 -34.92 22.85 3.66
N TRP B 138 -33.74 23.47 3.59
CA TRP B 138 -32.57 22.82 3.01
C TRP B 138 -31.75 21.99 3.99
N GLY B 139 -30.90 21.13 3.46
CA GLY B 139 -30.01 20.33 4.28
C GLY B 139 -28.61 20.92 4.38
N SER B 140 -27.82 20.41 5.33
CA SER B 140 -26.48 20.94 5.57
C SER B 140 -25.47 20.65 4.43
N PHE B 141 -24.45 21.50 4.37
CA PHE B 141 -23.36 21.38 3.38
C PHE B 141 -22.05 21.56 4.12
N THR B 142 -21.20 20.56 4.05
CA THR B 142 -20.00 20.58 4.86
C THR B 142 -18.77 20.26 4.05
N VAL B 143 -17.73 21.09 4.17
CA VAL B 143 -16.49 20.81 3.50
C VAL B 143 -15.51 20.12 4.44
N LEU B 144 -15.22 18.85 4.17
CA LEU B 144 -14.19 18.12 4.90
C LEU B 144 -12.89 17.99 4.11
N ASP B 145 -11.87 17.44 4.77
CA ASP B 145 -10.60 17.10 4.13
C ASP B 145 -10.13 15.75 4.66
N ASN B 146 -9.73 14.84 3.76
CA ASN B 146 -9.21 13.51 4.19
C ASN B 146 -7.80 13.50 4.82
N SER B 147 -7.02 14.56 4.59
CA SER B 147 -5.74 14.71 5.24
C SER B 147 -5.92 14.71 6.76
N ALA B 148 -7.03 15.26 7.21
CA ALA B 148 -7.38 15.22 8.62
C ALA B 148 -7.26 13.84 9.23
N TRP B 149 -7.74 12.80 8.52
CA TRP B 149 -7.70 11.45 9.08
C TRP B 149 -6.53 10.61 8.60
N TYR B 150 -5.94 11.02 7.47
CA TYR B 150 -4.74 10.35 6.97
C TYR B 150 -3.45 10.72 7.74
N GLN B 151 -3.38 11.95 8.22
CA GLN B 151 -2.27 12.40 9.05
C GLN B 151 -2.15 11.64 10.37
N LYS B 152 -3.16 10.85 10.74
CA LYS B 152 -3.07 10.06 11.96
C LYS B 152 -2.93 8.58 11.63
N GLN B 153 -2.71 8.28 10.35
CA GLN B 153 -2.68 6.90 9.83
C GLN B 153 -1.28 6.36 9.46
N HIS B 154 -0.77 5.43 10.27
CA HIS B 154 0.52 4.80 10.00
C HIS B 154 0.42 3.56 9.10
N LEU B 155 1.25 3.56 8.06
CA LEU B 155 1.34 2.49 7.08
C LEU B 155 0.94 1.07 7.55
N VAL B 156 1.80 0.42 8.34
CA VAL B 156 1.53 -0.94 8.82
C VAL B 156 0.24 -1.08 9.63
N ASP B 157 -0.19 -0.02 10.30
CA ASP B 157 -1.44 -0.09 11.04
C ASP B 157 -2.59 -0.21 10.06
N PHE B 158 -2.66 0.74 9.14
CA PHE B 158 -3.63 0.68 8.04
C PHE B 158 -3.64 -0.72 7.40
N LEU B 159 -2.49 -1.12 6.86
CA LEU B 159 -2.36 -2.42 6.24
C LEU B 159 -2.82 -3.54 7.14
N ALA B 160 -2.45 -3.44 8.40
CA ALA B 160 -2.79 -4.50 9.33
C ALA B 160 -4.29 -4.52 9.59
N ALA B 161 -4.90 -3.33 9.60
CA ALA B 161 -6.30 -3.17 9.97
C ALA B 161 -7.26 -3.51 8.84
N VAL B 162 -6.90 -3.14 7.62
CA VAL B 162 -7.81 -3.24 6.50
C VAL B 162 -7.28 -4.07 5.34
N GLY B 163 -5.98 -3.99 5.08
CA GLY B 163 -5.36 -4.65 3.94
C GLY B 163 -5.82 -6.08 3.71
N GLY B 164 -6.21 -6.75 4.79
CA GLY B 164 -6.70 -8.11 4.69
C GLY B 164 -8.13 -8.23 4.19
N HIS B 165 -8.78 -7.10 3.95
CA HIS B 165 -10.17 -7.07 3.48
C HIS B 165 -10.31 -6.59 2.05
N PHE B 166 -9.19 -6.30 1.41
CA PHE B 166 -9.18 -6.00 -0.02
C PHE B 166 -8.60 -7.16 -0.80
N ARG B 167 -9.46 -8.02 -1.33
CA ARG B 167 -8.99 -9.07 -2.25
C ARG B 167 -8.29 -8.44 -3.44
N MET B 168 -7.09 -8.92 -3.74
CA MET B 168 -6.30 -8.39 -4.85
C MET B 168 -7.03 -8.50 -6.19
N GLY B 169 -7.75 -9.59 -6.42
CA GLY B 169 -8.50 -9.76 -7.65
C GLY B 169 -9.47 -8.61 -7.89
N THR B 170 -10.28 -8.33 -6.87
CA THR B 170 -11.16 -7.17 -6.85
C THR B 170 -10.44 -5.91 -7.34
N LEU B 171 -9.51 -5.40 -6.54
CA LEU B 171 -8.73 -4.22 -6.92
C LEU B 171 -8.15 -4.25 -8.35
N LEU B 172 -7.75 -5.45 -8.80
CA LEU B 172 -7.08 -5.59 -10.09
C LEU B 172 -8.05 -5.51 -11.28
N SER B 173 -9.35 -5.61 -10.98
CA SER B 173 -10.36 -5.76 -12.04
C SER B 173 -11.26 -4.52 -12.24
N ARG B 174 -10.76 -3.34 -11.90
CA ARG B 174 -11.52 -2.13 -12.20
C ARG B 174 -11.24 -1.71 -13.64
N GLN B 175 -12.26 -1.19 -14.31
CA GLN B 175 -12.10 -0.69 -15.66
C GLN B 175 -11.38 0.66 -15.60
N SER B 176 -11.53 1.36 -14.47
CA SER B 176 -10.82 2.61 -14.24
C SER B 176 -9.31 2.40 -14.31
N VAL B 177 -8.90 1.16 -14.01
CA VAL B 177 -7.49 0.85 -13.74
C VAL B 177 -6.73 0.25 -14.93
N GLN B 178 -7.43 -0.04 -16.02
CA GLN B 178 -6.78 -0.71 -17.15
C GLN B 178 -5.87 0.17 -17.99
N LEU B 179 -6.29 1.41 -18.22
CA LEU B 179 -5.50 2.36 -19.02
C LEU B 179 -4.05 2.46 -18.52
N ARG B 180 -3.89 2.46 -17.20
CA ARG B 180 -2.57 2.55 -16.59
C ARG B 180 -1.93 1.17 -16.40
N LEU B 181 -2.73 0.22 -15.91
CA LEU B 181 -2.23 -1.13 -15.66
C LEU B 181 -1.74 -1.77 -16.95
N LYS B 182 -2.64 -1.83 -17.92
CA LYS B 182 -2.39 -2.48 -19.19
C LYS B 182 -1.52 -1.63 -20.10
N SER B 183 -1.10 -0.47 -19.57
CA SER B 183 -0.21 0.41 -20.29
C SER B 183 1.13 -0.29 -20.52
N PRO B 184 1.89 0.19 -21.50
CA PRO B 184 3.22 -0.34 -21.78
C PRO B 184 4.18 -0.26 -20.59
N GLU B 185 4.13 0.85 -19.85
CA GLU B 185 5.06 1.10 -18.73
C GLU B 185 4.56 0.49 -17.42
N GLY B 186 3.25 0.30 -17.33
CA GLY B 186 2.65 -0.25 -16.12
C GLY B 186 2.23 0.88 -15.20
N MET B 187 1.66 0.51 -14.06
CA MET B 187 1.19 1.51 -13.14
C MET B 187 1.96 1.47 -11.84
N SER B 188 2.31 2.64 -11.32
CA SER B 188 3.05 2.70 -10.08
C SER B 188 2.22 2.01 -9.03
N LEU B 189 2.88 1.57 -7.97
CA LEU B 189 2.21 1.11 -6.76
C LEU B 189 1.23 2.14 -6.24
N ALA B 190 1.64 3.41 -6.26
CA ALA B 190 0.84 4.53 -5.76
C ALA B 190 -0.49 4.65 -6.48
N GLU B 191 -0.42 4.70 -7.80
CA GLU B 191 -1.62 4.78 -8.64
C GLU B 191 -2.61 3.71 -8.27
N PHE B 192 -2.10 2.49 -8.17
CA PHE B 192 -2.93 1.36 -7.84
C PHE B 192 -3.53 1.50 -6.45
N PHE B 193 -2.75 2.07 -5.52
CA PHE B 193 -3.17 2.08 -4.11
C PHE B 193 -4.24 3.14 -3.91
N TYR B 194 -4.22 4.12 -4.80
CA TYR B 194 -5.18 5.22 -4.79
C TYR B 194 -6.61 4.79 -4.53
N GLN B 195 -7.10 3.83 -5.29
CA GLN B 195 -8.48 3.37 -5.11
C GLN B 195 -8.72 2.95 -3.67
N VAL B 196 -7.70 2.38 -3.03
CA VAL B 196 -7.86 1.88 -1.68
C VAL B 196 -8.18 2.97 -0.66
N LEU B 197 -7.52 4.12 -0.79
CA LEU B 197 -7.84 5.28 0.03
C LEU B 197 -9.29 5.71 -0.12
N GLN B 198 -9.67 6.11 -1.33
CA GLN B 198 -11.05 6.47 -1.66
C GLN B 198 -12.09 5.50 -1.08
N ALA B 199 -11.77 4.21 -1.16
CA ALA B 199 -12.60 3.16 -0.60
C ALA B 199 -12.69 3.35 0.89
N TYR B 200 -11.54 3.62 1.49
CA TYR B 200 -11.48 3.85 2.93
C TYR B 200 -12.22 5.15 3.35
N ASP B 201 -12.05 6.22 2.59
CA ASP B 201 -12.79 7.46 2.83
C ASP B 201 -14.29 7.20 3.00
N PHE B 202 -14.90 6.62 1.97
CA PHE B 202 -16.30 6.27 2.00
C PHE B 202 -16.59 5.52 3.31
N TYR B 203 -15.71 4.59 3.69
CA TYR B 203 -15.93 3.82 4.92
C TYR B 203 -15.88 4.70 6.18
N TYR B 204 -14.90 5.58 6.20
CA TYR B 204 -14.77 6.55 7.27
C TYR B 204 -16.01 7.44 7.47
N LEU B 205 -16.42 8.13 6.42
CA LEU B 205 -17.52 9.06 6.54
C LEU B 205 -18.77 8.29 6.91
N PHE B 206 -18.89 7.08 6.38
CA PHE B 206 -20.06 6.29 6.65
C PHE B 206 -20.14 5.94 8.11
N GLN B 207 -18.97 5.69 8.69
CA GLN B 207 -18.85 5.36 10.09
C GLN B 207 -19.15 6.55 10.97
N ARG B 208 -18.61 7.70 10.59
CA ARG B 208 -18.65 8.86 11.47
C ARG B 208 -19.87 9.75 11.28
N TYR B 209 -20.37 9.81 10.04
CA TYR B 209 -21.48 10.67 9.68
C TYR B 209 -22.61 9.86 9.10
N GLY B 210 -22.58 8.54 9.25
CA GLY B 210 -23.64 7.71 8.72
C GLY B 210 -23.94 7.95 7.25
N CYS B 211 -23.03 8.62 6.57
CA CYS B 211 -23.13 8.87 5.13
C CYS B 211 -23.14 7.56 4.33
N ARG B 212 -24.20 7.34 3.53
CA ARG B 212 -24.39 6.07 2.82
C ARG B 212 -24.54 6.25 1.32
N VAL B 213 -24.01 7.35 0.80
CA VAL B 213 -24.10 7.61 -0.62
C VAL B 213 -22.91 8.44 -1.06
N GLN B 214 -22.24 7.97 -2.10
CA GLN B 214 -21.17 8.74 -2.67
C GLN B 214 -21.55 9.05 -4.10
N LEU B 215 -21.19 10.26 -4.53
CA LEU B 215 -21.45 10.70 -5.88
C LEU B 215 -20.22 11.32 -6.51
N GLY B 216 -20.09 11.14 -7.83
CA GLY B 216 -19.01 11.76 -8.58
C GLY B 216 -19.31 11.59 -10.06
N GLY B 217 -18.39 12.04 -10.92
CA GLY B 217 -18.47 11.80 -12.36
C GLY B 217 -18.59 10.32 -12.70
N SER B 218 -18.63 9.99 -13.99
CA SER B 218 -18.71 8.59 -14.38
C SER B 218 -17.34 7.93 -14.25
N ASP B 219 -16.30 8.70 -14.52
CA ASP B 219 -14.91 8.23 -14.35
C ASP B 219 -14.64 7.63 -12.98
N GLN B 220 -15.60 7.76 -12.07
CA GLN B 220 -15.40 7.41 -10.68
C GLN B 220 -16.23 6.20 -10.31
N LEU B 221 -16.82 5.54 -11.30
CA LEU B 221 -17.61 4.35 -11.03
C LEU B 221 -16.76 3.31 -10.31
N GLY B 222 -15.61 3.01 -10.88
CA GLY B 222 -14.71 2.05 -10.28
C GLY B 222 -14.46 2.32 -8.82
N ASN B 223 -13.98 3.52 -8.49
CA ASN B 223 -13.58 3.82 -7.12
C ASN B 223 -14.70 3.64 -6.11
N ILE B 224 -15.84 4.25 -6.42
CA ILE B 224 -17.04 4.14 -5.60
C ILE B 224 -17.44 2.68 -5.35
N MET B 225 -17.37 1.88 -6.42
CA MET B 225 -17.53 0.44 -6.33
C MET B 225 -16.68 -0.18 -5.21
N SER B 226 -15.39 0.11 -5.21
CA SER B 226 -14.49 -0.37 -4.18
C SER B 226 -15.07 -0.03 -2.81
N GLY B 227 -15.50 1.21 -2.65
CA GLY B 227 -16.13 1.66 -1.41
C GLY B 227 -17.28 0.81 -0.90
N TYR B 228 -18.28 0.56 -1.74
CA TYR B 228 -19.45 -0.14 -1.21
C TYR B 228 -19.24 -1.64 -1.01
N GLU B 229 -18.31 -2.21 -1.76
CA GLU B 229 -17.98 -3.61 -1.61
C GLU B 229 -17.23 -3.77 -0.29
N PHE B 230 -16.26 -2.88 -0.08
CA PHE B 230 -15.46 -2.86 1.13
C PHE B 230 -16.34 -2.67 2.36
N ILE B 231 -17.24 -1.71 2.31
CA ILE B 231 -18.12 -1.48 3.42
C ILE B 231 -18.96 -2.71 3.65
N ASN B 232 -19.38 -3.35 2.57
CA ASN B 232 -20.19 -4.56 2.61
C ASN B 232 -19.44 -5.79 3.15
N LYS B 233 -18.15 -5.86 2.89
CA LYS B 233 -17.34 -6.95 3.44
C LYS B 233 -17.30 -6.81 4.96
N LEU B 234 -17.21 -5.57 5.43
CA LEU B 234 -17.04 -5.32 6.85
C LEU B 234 -18.37 -5.35 7.60
N THR B 235 -19.36 -4.64 7.07
CA THR B 235 -20.70 -4.65 7.62
C THR B 235 -21.64 -5.00 6.49
N GLY B 236 -22.58 -5.90 6.76
CA GLY B 236 -23.54 -6.30 5.74
C GLY B 236 -24.28 -5.09 5.21
N GLU B 237 -23.85 -3.91 5.65
CA GLU B 237 -24.51 -2.67 5.34
C GLU B 237 -24.47 -2.31 3.87
N ASP B 238 -25.60 -1.86 3.35
CA ASP B 238 -25.71 -1.44 1.96
C ASP B 238 -25.66 0.08 1.83
N VAL B 239 -24.56 0.57 1.25
CA VAL B 239 -24.42 1.98 0.89
C VAL B 239 -24.51 2.08 -0.63
N PHE B 240 -24.45 3.29 -1.18
CA PHE B 240 -24.75 3.48 -2.60
C PHE B 240 -23.89 4.48 -3.32
N GLY B 241 -23.85 4.36 -4.64
CA GLY B 241 -23.17 5.33 -5.47
C GLY B 241 -24.13 5.96 -6.48
N ILE B 242 -23.79 7.15 -6.95
CA ILE B 242 -24.52 7.86 -7.98
C ILE B 242 -23.53 8.53 -8.88
N THR B 243 -23.73 8.42 -10.19
CA THR B 243 -22.87 9.13 -11.12
C THR B 243 -23.59 10.21 -11.90
N VAL B 244 -22.79 11.04 -12.57
CA VAL B 244 -23.30 12.15 -13.35
C VAL B 244 -22.45 12.21 -14.62
N PRO B 245 -23.02 12.75 -15.70
CA PRO B 245 -22.32 12.82 -16.99
C PRO B 245 -21.01 13.60 -16.94
N LEU B 246 -20.12 13.33 -17.89
CA LEU B 246 -18.88 14.07 -18.05
C LEU B 246 -18.99 14.99 -19.25
N ILE B 247 -18.69 16.27 -19.08
CA ILE B 247 -18.81 17.24 -20.17
C ILE B 247 -17.48 17.54 -20.83
N THR B 248 -17.56 17.83 -22.12
CA THR B 248 -16.40 17.86 -23.01
C THR B 248 -16.27 19.19 -23.75
N ALA B 262 -9.63 24.03 -18.62
CA ALA B 262 -9.38 25.30 -19.29
C ALA B 262 -10.36 26.38 -18.84
N VAL B 263 -11.48 25.97 -18.23
CA VAL B 263 -12.51 26.90 -17.76
C VAL B 263 -12.67 26.91 -16.23
N TRP B 264 -12.10 27.96 -15.63
CA TRP B 264 -11.94 28.01 -14.18
C TRP B 264 -13.05 28.71 -13.42
N LEU B 265 -13.34 28.16 -12.24
CA LEU B 265 -14.31 28.76 -11.33
C LEU B 265 -13.67 29.91 -10.57
N ASN B 266 -12.38 30.14 -10.82
CA ASN B 266 -11.64 31.18 -10.12
C ASN B 266 -11.54 32.49 -10.87
N ARG B 267 -12.07 33.55 -10.27
CA ARG B 267 -12.07 34.88 -10.89
C ARG B 267 -10.66 35.24 -11.35
N ASP B 268 -9.67 34.80 -10.61
CA ASP B 268 -8.27 35.07 -10.96
C ASP B 268 -7.86 34.35 -12.23
N LYS B 269 -8.22 33.07 -12.32
CA LYS B 269 -7.90 32.28 -13.52
C LYS B 269 -8.81 32.64 -14.69
N THR B 270 -10.12 32.56 -14.46
CA THR B 270 -11.11 32.86 -15.46
C THR B 270 -12.08 33.92 -14.96
N SER B 271 -12.05 35.10 -15.58
CA SER B 271 -12.91 36.21 -15.14
C SER B 271 -14.36 35.79 -15.25
N PRO B 272 -15.23 36.40 -14.43
CA PRO B 272 -16.66 36.11 -14.59
C PRO B 272 -17.13 36.34 -16.02
N PHE B 273 -16.51 37.28 -16.73
CA PHE B 273 -16.84 37.53 -18.12
C PHE B 273 -16.41 36.39 -19.01
N GLU B 274 -15.12 36.04 -18.94
CA GLU B 274 -14.56 34.93 -19.69
C GLU B 274 -15.48 33.72 -19.57
N LEU B 275 -15.80 33.38 -18.34
CA LEU B 275 -16.69 32.26 -18.04
C LEU B 275 -18.07 32.37 -18.71
N TYR B 276 -18.61 33.58 -18.79
CA TYR B 276 -19.89 33.81 -19.44
C TYR B 276 -19.78 33.42 -20.91
N GLN B 277 -18.60 33.61 -21.48
CA GLN B 277 -18.42 33.41 -22.92
C GLN B 277 -18.41 31.95 -23.29
N PHE B 278 -18.02 31.12 -22.35
CA PHE B 278 -17.97 29.70 -22.57
C PHE B 278 -19.39 29.18 -22.67
N PHE B 279 -20.30 29.79 -21.90
CA PHE B 279 -21.70 29.38 -21.88
C PHE B 279 -22.54 30.10 -22.93
N VAL B 280 -22.03 31.20 -23.46
CA VAL B 280 -22.73 31.94 -24.50
C VAL B 280 -22.33 31.47 -25.89
N ARG B 281 -21.05 31.17 -26.08
CA ARG B 281 -20.58 30.56 -27.31
C ARG B 281 -20.89 29.07 -27.30
N GLN B 282 -22.17 28.73 -27.45
CA GLN B 282 -22.62 27.35 -27.43
C GLN B 282 -23.56 27.04 -28.59
N PRO B 283 -23.39 25.85 -29.19
CA PRO B 283 -24.26 25.33 -30.24
C PRO B 283 -25.66 25.09 -29.73
N ASP B 284 -26.65 25.32 -30.58
CA ASP B 284 -28.05 25.18 -30.20
C ASP B 284 -28.40 23.75 -29.77
N ASP B 285 -27.75 22.77 -30.38
CA ASP B 285 -28.05 21.38 -30.08
C ASP B 285 -27.68 21.05 -28.64
N SER B 286 -26.84 21.88 -28.04
CA SER B 286 -26.30 21.63 -26.71
C SER B 286 -27.02 22.44 -25.64
N VAL B 287 -27.25 23.71 -25.91
CA VAL B 287 -27.87 24.61 -24.95
C VAL B 287 -29.12 23.98 -24.32
N GLU B 288 -29.72 23.05 -25.04
CA GLU B 288 -30.81 22.25 -24.49
C GLU B 288 -30.33 21.53 -23.23
N ARG B 289 -29.33 20.67 -23.40
CA ARG B 289 -28.83 19.82 -22.33
C ARG B 289 -28.18 20.61 -21.21
N TYR B 290 -27.39 21.60 -21.58
CA TYR B 290 -26.68 22.39 -20.59
C TYR B 290 -27.62 23.14 -19.66
N LEU B 291 -28.78 23.56 -20.16
CA LEU B 291 -29.77 24.20 -19.30
C LEU B 291 -30.23 23.20 -18.24
N LYS B 292 -30.49 21.97 -18.67
CA LYS B 292 -30.96 20.93 -17.79
C LYS B 292 -29.82 20.47 -16.87
N LEU B 293 -28.63 21.02 -17.14
CA LEU B 293 -27.41 20.49 -16.59
C LEU B 293 -26.83 21.41 -15.55
N PHE B 294 -26.75 22.69 -15.90
CA PHE B 294 -26.10 23.68 -15.07
C PHE B 294 -27.05 24.64 -14.39
N THR B 295 -28.35 24.41 -14.52
CA THR B 295 -29.30 25.34 -13.94
C THR B 295 -30.38 24.65 -13.12
N PHE B 296 -31.07 25.44 -12.31
CA PHE B 296 -32.14 24.94 -11.46
C PHE B 296 -33.52 25.19 -12.06
N LEU B 297 -33.57 25.89 -13.21
CA LEU B 297 -34.84 26.19 -13.85
C LEU B 297 -35.64 24.91 -13.97
N PRO B 298 -36.93 24.96 -13.59
CA PRO B 298 -37.77 23.76 -13.69
C PRO B 298 -37.81 23.36 -15.15
N LEU B 299 -38.14 22.11 -15.44
CA LEU B 299 -38.07 21.64 -16.82
C LEU B 299 -39.05 22.39 -17.72
N PRO B 300 -40.28 22.63 -17.23
CA PRO B 300 -41.24 23.44 -17.98
C PRO B 300 -40.67 24.82 -18.35
N GLU B 301 -40.13 25.56 -17.39
CA GLU B 301 -39.56 26.87 -17.70
C GLU B 301 -38.53 26.73 -18.82
N ILE B 302 -37.74 25.67 -18.78
CA ILE B 302 -36.72 25.44 -19.80
C ILE B 302 -37.42 25.21 -21.12
N ASP B 303 -38.37 24.28 -21.10
CA ASP B 303 -39.17 23.95 -22.27
C ASP B 303 -39.61 25.18 -23.04
N HIS B 304 -40.27 26.09 -22.33
CA HIS B 304 -40.71 27.30 -22.96
C HIS B 304 -39.54 28.08 -23.56
N ILE B 305 -38.49 28.28 -22.78
CA ILE B 305 -37.32 29.00 -23.24
C ILE B 305 -36.89 28.56 -24.65
N MET B 306 -36.91 27.26 -24.89
CA MET B 306 -36.55 26.70 -26.19
C MET B 306 -37.62 26.90 -27.28
N GLN B 307 -38.84 26.43 -27.01
CA GLN B 307 -39.93 26.63 -27.95
C GLN B 307 -39.96 28.10 -28.35
N LEU B 308 -39.64 28.97 -27.40
CA LEU B 308 -39.61 30.41 -27.64
C LEU B 308 -38.42 30.72 -28.55
N HIS B 309 -37.33 30.00 -28.35
CA HIS B 309 -36.10 30.30 -29.05
C HIS B 309 -36.25 30.12 -30.54
N VAL B 310 -37.08 29.18 -30.95
CA VAL B 310 -37.27 28.94 -32.37
C VAL B 310 -37.96 30.11 -33.07
N LYS B 311 -38.97 30.69 -32.43
CA LYS B 311 -39.60 31.90 -32.92
C LYS B 311 -38.60 33.06 -32.97
N GLU B 312 -37.46 32.90 -32.28
CA GLU B 312 -36.41 33.92 -32.26
C GLU B 312 -35.02 33.28 -32.09
N PRO B 313 -34.54 32.60 -33.14
CA PRO B 313 -33.26 31.90 -33.10
C PRO B 313 -32.11 32.88 -33.00
N GLU B 314 -32.25 34.03 -33.67
CA GLU B 314 -31.25 35.08 -33.66
C GLU B 314 -30.93 35.59 -32.27
N ARG B 315 -31.79 35.26 -31.30
CA ARG B 315 -31.71 35.85 -29.96
C ARG B 315 -30.63 35.26 -29.05
N ARG B 316 -30.22 34.02 -29.32
CA ARG B 316 -29.29 33.34 -28.42
C ARG B 316 -29.85 33.42 -27.00
N GLY B 317 -31.18 33.37 -26.90
CA GLY B 317 -31.89 33.47 -25.64
C GLY B 317 -31.60 32.36 -24.63
N PRO B 318 -31.59 31.10 -25.07
CA PRO B 318 -31.28 30.03 -24.10
C PRO B 318 -29.85 30.14 -23.59
N GLN B 319 -28.92 30.60 -24.43
CA GLN B 319 -27.54 30.84 -23.98
C GLN B 319 -27.47 32.02 -23.03
N LYS B 320 -28.21 33.08 -23.34
CA LYS B 320 -28.17 34.25 -22.48
C LYS B 320 -28.78 33.92 -21.13
N ARG B 321 -29.44 32.76 -21.05
CA ARG B 321 -30.07 32.31 -19.81
C ARG B 321 -29.13 31.41 -19.03
N LEU B 322 -28.62 30.40 -19.72
CA LEU B 322 -27.67 29.47 -19.15
C LEU B 322 -26.50 30.29 -18.58
N ALA B 323 -25.92 31.14 -19.42
CA ALA B 323 -24.79 31.97 -19.01
C ALA B 323 -25.09 32.78 -17.75
N ALA B 324 -26.29 33.33 -17.67
CA ALA B 324 -26.67 34.14 -16.51
C ALA B 324 -26.76 33.25 -15.28
N GLU B 325 -27.61 32.22 -15.37
CA GLU B 325 -27.78 31.28 -14.27
C GLU B 325 -26.43 30.85 -13.65
N VAL B 326 -25.54 30.32 -14.49
CA VAL B 326 -24.25 29.81 -14.04
C VAL B 326 -23.36 30.87 -13.39
N THR B 327 -23.05 31.93 -14.13
CA THR B 327 -22.24 33.04 -13.62
C THR B 327 -22.78 33.62 -12.32
N LYS B 328 -24.07 33.48 -12.10
CA LYS B 328 -24.69 33.97 -10.88
C LYS B 328 -24.23 33.06 -9.73
N LEU B 329 -24.19 31.77 -9.99
CA LEU B 329 -23.86 30.76 -8.97
C LEU B 329 -22.38 30.75 -8.59
N VAL B 330 -21.51 30.92 -9.57
CA VAL B 330 -20.09 30.88 -9.32
C VAL B 330 -19.55 32.23 -8.82
N HIS B 331 -20.02 33.33 -9.42
CA HIS B 331 -19.47 34.64 -9.10
C HIS B 331 -20.41 35.61 -8.37
N GLY B 332 -21.62 35.16 -8.06
CA GLY B 332 -22.59 36.01 -7.40
C GLY B 332 -23.21 37.11 -8.27
N ARG B 333 -24.18 37.83 -7.73
CA ARG B 333 -24.86 38.88 -8.47
C ARG B 333 -23.88 39.84 -9.11
N GLU B 334 -22.91 40.28 -8.31
CA GLU B 334 -21.87 41.17 -8.78
C GLU B 334 -21.28 40.66 -10.08
N GLY B 335 -20.78 39.43 -10.04
CA GLY B 335 -20.13 38.81 -11.18
C GLY B 335 -21.00 38.76 -12.42
N LEU B 336 -22.26 38.40 -12.23
CA LEU B 336 -23.24 38.46 -13.30
C LEU B 336 -23.28 39.85 -13.92
N ASP B 337 -23.36 40.87 -13.06
CA ASP B 337 -23.42 42.27 -13.49
C ASP B 337 -22.16 42.74 -14.19
N SER B 338 -21.00 42.44 -13.60
CA SER B 338 -19.72 42.83 -14.17
C SER B 338 -19.40 41.97 -15.39
N ALA B 339 -20.39 41.20 -15.84
CA ALA B 339 -20.28 40.45 -17.08
C ALA B 339 -21.41 40.88 -18.02
N LYS B 340 -22.63 40.99 -17.49
CA LYS B 340 -23.75 41.54 -18.27
C LYS B 340 -23.25 42.82 -18.88
N ARG B 341 -22.81 43.73 -18.02
CA ARG B 341 -22.27 45.01 -18.44
C ARG B 341 -21.18 44.87 -19.50
N CYS B 342 -20.15 44.08 -19.21
CA CYS B 342 -19.00 43.93 -20.11
C CYS B 342 -19.38 43.63 -21.56
N THR B 343 -20.17 42.58 -21.78
CA THR B 343 -20.57 42.24 -23.14
C THR B 343 -21.41 43.36 -23.76
N GLN B 344 -22.47 43.78 -23.05
CA GLN B 344 -23.42 44.75 -23.58
C GLN B 344 -22.77 45.89 -24.36
N ALA B 345 -21.69 46.43 -23.82
CA ALA B 345 -20.95 47.47 -24.51
C ALA B 345 -20.06 46.84 -25.57
N LEU B 346 -20.67 46.40 -26.67
CA LEU B 346 -19.93 45.75 -27.76
C LEU B 346 -20.87 45.36 -28.90
N TYR B 347 -21.12 44.18 -29.12
#